data_9HH1
#
_entry.id   9HH1
#
_entity_poly.entity_id   1
_entity_poly.type   'polypeptide(L)'
_entity_poly.pdbx_seq_one_letter_code
;MAMPLDWDKLRIFHAAAEAGSFTHAADKLHLSQSAISRQVSALEQDVGVKLFHRHARGLILTEQGELLYRTAHDVLLKLE
TVKMQLTETTEKPSGKLRVTTTVGLGQGWLTDKVQEFLQLYPEMSIQLILDNEELDVNMRHADCAIRLRQPQQSDLIQRK
LFTVHMHVYAAPSYINRHGEPQSVEDLDNHRIISFGEPAPNYLLDVNWLENAGRSSDNTRIPHLQINSQTSIKRACLLGI
GIACLPDYIVGRDPGLIQLSLAADIPSFDTYFCYPDEMKNAAKLKAFRDFIVAKARNWNFGTSAWSHPQFEK
;
_entity_poly.pdbx_strand_id   A,B
#
# COMPACT_ATOMS: atom_id res chain seq x y z
N GLY A 95 2.02 -20.66 -16.94
CA GLY A 95 3.05 -20.52 -15.93
C GLY A 95 3.11 -19.12 -15.31
N LYS A 96 4.11 -18.94 -14.43
CA LYS A 96 4.26 -17.73 -13.61
C LYS A 96 5.07 -16.66 -14.36
N LEU A 97 4.55 -15.43 -14.35
CA LEU A 97 5.27 -14.23 -14.75
C LEU A 97 5.45 -13.33 -13.52
N ARG A 98 6.68 -12.92 -13.25
CA ARG A 98 7.00 -11.99 -12.16
C ARG A 98 7.08 -10.57 -12.72
N VAL A 99 6.32 -9.66 -12.15
CA VAL A 99 6.25 -8.25 -12.57
C VAL A 99 6.59 -7.38 -11.37
N THR A 100 7.58 -6.51 -11.50
CA THR A 100 7.92 -5.54 -10.45
C THR A 100 7.52 -4.12 -10.85
N THR A 101 7.09 -3.34 -9.87
CA THR A 101 6.85 -1.89 -10.03
C THR A 101 6.88 -1.21 -8.65
N THR A 102 6.70 0.09 -8.62
CA THR A 102 6.56 0.84 -7.37
C THR A 102 5.28 0.42 -6.61
N VAL A 103 5.28 0.62 -5.30
CA VAL A 103 4.12 0.31 -4.44
C VAL A 103 2.89 1.11 -4.88
N GLY A 104 3.04 2.39 -5.17
CA GLY A 104 1.94 3.27 -5.59
C GLY A 104 1.28 2.82 -6.89
N LEU A 105 2.08 2.58 -7.94
CA LEU A 105 1.55 2.13 -9.23
C LEU A 105 0.95 0.72 -9.13
N GLY A 106 1.57 -0.16 -8.35
CA GLY A 106 1.08 -1.50 -8.13
C GLY A 106 -0.29 -1.53 -7.44
N GLN A 107 -0.44 -0.77 -6.38
CA GLN A 107 -1.68 -0.68 -5.61
C GLN A 107 -2.77 0.14 -6.33
N GLY A 108 -2.39 1.24 -6.97
CA GLY A 108 -3.34 2.18 -7.55
C GLY A 108 -3.88 1.79 -8.93
N TRP A 109 -3.08 1.10 -9.73
CA TRP A 109 -3.41 0.81 -11.14
C TRP A 109 -3.22 -0.65 -11.55
N LEU A 110 -2.06 -1.23 -11.26
CA LEU A 110 -1.66 -2.51 -11.83
C LEU A 110 -2.48 -3.69 -11.30
N THR A 111 -2.91 -3.69 -10.05
CA THR A 111 -3.73 -4.76 -9.47
C THR A 111 -5.02 -4.96 -10.27
N ASP A 112 -5.73 -3.88 -10.57
CA ASP A 112 -6.96 -3.92 -11.38
C ASP A 112 -6.68 -4.38 -12.82
N LYS A 113 -5.55 -3.98 -13.40
CA LYS A 113 -5.15 -4.45 -14.73
C LYS A 113 -4.79 -5.93 -14.74
N VAL A 114 -4.18 -6.44 -13.68
CA VAL A 114 -3.87 -7.87 -13.55
C VAL A 114 -5.14 -8.71 -13.44
N GLN A 115 -6.21 -8.21 -12.81
CA GLN A 115 -7.51 -8.88 -12.83
C GLN A 115 -8.01 -9.07 -14.26
N GLU A 116 -8.02 -8.00 -15.05
CA GLU A 116 -8.40 -8.06 -16.46
C GLU A 116 -7.51 -9.02 -17.25
N PHE A 117 -6.20 -9.02 -16.99
CA PHE A 117 -5.25 -9.91 -17.65
C PHE A 117 -5.49 -11.39 -17.35
N LEU A 118 -5.66 -11.74 -16.07
CA LEU A 118 -5.88 -13.12 -15.63
C LEU A 118 -7.23 -13.70 -16.08
N GLN A 119 -8.23 -12.83 -16.38
CA GLN A 119 -9.47 -13.29 -17.03
C GLN A 119 -9.22 -13.73 -18.47
N LEU A 120 -8.24 -13.13 -19.16
CA LEU A 120 -7.90 -13.45 -20.54
C LEU A 120 -6.96 -14.64 -20.65
N TYR A 121 -6.04 -14.78 -19.69
CA TYR A 121 -5.01 -15.82 -19.66
C TYR A 121 -5.10 -16.64 -18.36
N PRO A 122 -6.17 -17.43 -18.17
CA PRO A 122 -6.43 -18.11 -16.91
C PRO A 122 -5.41 -19.21 -16.55
N GLU A 123 -4.64 -19.69 -17.53
CA GLU A 123 -3.57 -20.67 -17.31
C GLU A 123 -2.24 -20.01 -16.90
N MET A 124 -2.18 -18.69 -16.88
CA MET A 124 -1.06 -17.95 -16.30
C MET A 124 -1.29 -17.68 -14.81
N SER A 125 -0.19 -17.48 -14.11
CA SER A 125 -0.18 -16.85 -12.80
C SER A 125 0.76 -15.64 -12.81
N ILE A 126 0.46 -14.66 -11.97
CA ILE A 126 1.26 -13.44 -11.84
C ILE A 126 1.78 -13.33 -10.40
N GLN A 127 3.04 -12.95 -10.27
CA GLN A 127 3.57 -12.40 -9.02
C GLN A 127 3.88 -10.93 -9.23
N LEU A 128 3.16 -10.06 -8.53
CA LEU A 128 3.51 -8.66 -8.41
C LEU A 128 4.47 -8.49 -7.23
N ILE A 129 5.63 -7.90 -7.51
CA ILE A 129 6.65 -7.56 -6.52
C ILE A 129 6.69 -6.03 -6.45
N LEU A 130 6.03 -5.48 -5.44
CA LEU A 130 5.91 -4.03 -5.26
C LEU A 130 7.05 -3.57 -4.35
N ASP A 131 7.88 -2.70 -4.89
CA ASP A 131 9.01 -2.13 -4.15
C ASP A 131 9.27 -0.71 -4.65
N ASN A 132 9.57 0.20 -3.72
CA ASN A 132 9.98 1.55 -4.07
C ASN A 132 11.48 1.63 -4.36
N GLU A 133 12.26 0.63 -3.93
CA GLU A 133 13.60 0.43 -4.48
C GLU A 133 13.47 -0.25 -5.85
N GLU A 134 14.25 0.20 -6.82
CA GLU A 134 14.20 -0.40 -8.15
C GLU A 134 14.90 -1.76 -8.15
N LEU A 135 14.11 -2.83 -7.97
CA LEU A 135 14.61 -4.20 -8.09
C LEU A 135 15.26 -4.45 -9.44
N ASP A 136 16.46 -5.02 -9.44
CA ASP A 136 17.19 -5.31 -10.65
C ASP A 136 16.55 -6.48 -11.42
N VAL A 137 15.98 -6.15 -12.58
CA VAL A 137 15.32 -7.14 -13.45
C VAL A 137 16.33 -8.08 -14.08
N ASN A 138 17.53 -7.59 -14.38
CA ASN A 138 18.58 -8.42 -14.96
C ASN A 138 19.14 -9.45 -13.98
N MET A 139 19.10 -9.16 -12.69
CA MET A 139 19.43 -10.15 -11.64
C MET A 139 18.31 -11.18 -11.42
N ARG A 140 17.32 -11.25 -12.30
CA ARG A 140 16.21 -12.22 -12.27
C ARG A 140 15.36 -12.15 -10.98
N HIS A 141 15.32 -11.00 -10.33
CA HIS A 141 14.36 -10.74 -9.25
C HIS A 141 12.93 -10.67 -9.78
N ALA A 142 12.76 -10.18 -11.01
CA ALA A 142 11.52 -10.20 -11.77
C ALA A 142 11.77 -10.53 -13.25
N ASP A 143 10.71 -10.83 -14.00
CA ASP A 143 10.78 -11.10 -15.44
C ASP A 143 10.60 -9.82 -16.27
N CYS A 144 9.91 -8.82 -15.71
CA CYS A 144 9.67 -7.51 -16.31
C CYS A 144 9.37 -6.47 -15.23
N ALA A 145 9.38 -5.19 -15.62
CA ALA A 145 9.09 -4.09 -14.71
C ALA A 145 8.28 -2.97 -15.37
N ILE A 146 7.51 -2.25 -14.58
CA ILE A 146 7.00 -0.92 -14.92
C ILE A 146 7.77 0.10 -14.06
N ARG A 147 8.46 1.04 -14.72
CA ARG A 147 9.28 2.07 -14.08
C ARG A 147 8.64 3.45 -14.24
N LEU A 148 8.82 4.31 -13.25
CA LEU A 148 8.37 5.71 -13.29
C LEU A 148 9.39 6.68 -13.92
N ARG A 149 10.51 6.16 -14.40
CA ARG A 149 11.54 6.88 -15.16
C ARG A 149 12.07 5.99 -16.27
N GLN A 150 12.70 6.59 -17.26
CA GLN A 150 13.30 5.82 -18.36
C GLN A 150 14.44 4.94 -17.83
N PRO A 151 14.38 3.60 -18.05
CA PRO A 151 15.47 2.71 -17.68
C PRO A 151 16.77 3.11 -18.40
N GLN A 152 17.86 3.15 -17.66
CA GLN A 152 19.17 3.53 -18.18
C GLN A 152 20.03 2.31 -18.58
N GLN A 153 19.63 1.11 -18.20
CA GLN A 153 20.33 -0.12 -18.58
C GLN A 153 20.14 -0.39 -20.08
N SER A 154 21.27 -0.52 -20.80
CA SER A 154 21.29 -0.71 -22.26
C SER A 154 20.83 -2.10 -22.72
N ASP A 155 20.81 -3.06 -21.82
CA ASP A 155 20.42 -4.46 -22.04
C ASP A 155 18.94 -4.74 -21.73
N LEU A 156 18.18 -3.70 -21.37
CA LEU A 156 16.74 -3.77 -21.22
C LEU A 156 16.02 -3.28 -22.48
N ILE A 157 15.13 -4.12 -23.00
CA ILE A 157 14.13 -3.69 -23.97
C ILE A 157 13.08 -2.85 -23.21
N GLN A 158 12.76 -1.67 -23.73
CA GLN A 158 11.82 -0.75 -23.09
C GLN A 158 10.79 -0.20 -24.08
N ARG A 159 9.58 0.06 -23.56
CA ARG A 159 8.52 0.80 -24.26
C ARG A 159 7.94 1.85 -23.32
N LYS A 160 7.83 3.08 -23.80
CA LYS A 160 7.03 4.11 -23.12
C LYS A 160 5.58 3.64 -23.03
N LEU A 161 4.96 3.80 -21.87
CA LEU A 161 3.55 3.47 -21.64
C LEU A 161 2.69 4.73 -21.73
N PHE A 162 2.58 5.48 -20.65
CA PHE A 162 1.77 6.70 -20.55
C PHE A 162 2.55 7.79 -19.80
N THR A 163 2.12 9.03 -19.99
CA THR A 163 2.60 10.17 -19.20
C THR A 163 1.73 10.30 -17.95
N VAL A 164 2.36 10.50 -16.81
CA VAL A 164 1.70 10.72 -15.52
C VAL A 164 1.70 12.21 -15.23
N HIS A 165 0.53 12.71 -14.84
CA HIS A 165 0.37 14.07 -14.35
C HIS A 165 0.14 14.06 -12.84
N MET A 166 0.76 14.99 -12.14
CA MET A 166 0.53 15.27 -10.73
C MET A 166 -0.43 16.44 -10.61
N HIS A 167 -1.44 16.31 -9.75
CA HIS A 167 -2.38 17.39 -9.43
C HIS A 167 -2.58 17.49 -7.92
N VAL A 168 -3.08 18.65 -7.50
CA VAL A 168 -3.41 18.92 -6.10
C VAL A 168 -4.90 18.65 -5.89
N TYR A 169 -5.23 17.95 -4.80
CA TYR A 169 -6.59 17.51 -4.50
C TYR A 169 -6.97 17.79 -3.04
N ALA A 170 -8.26 17.99 -2.82
CA ALA A 170 -8.87 17.98 -1.50
C ALA A 170 -10.24 17.27 -1.55
N ALA A 171 -10.66 16.71 -0.42
CA ALA A 171 -12.00 16.14 -0.29
C ALA A 171 -13.05 17.25 -0.11
N PRO A 172 -14.29 17.02 -0.55
CA PRO A 172 -15.43 17.89 -0.22
C PRO A 172 -15.53 18.19 1.28
N SER A 173 -15.34 17.18 2.13
CA SER A 173 -15.39 17.34 3.59
C SER A 173 -14.28 18.23 4.17
N TYR A 174 -13.16 18.37 3.49
CA TYR A 174 -12.10 19.32 3.85
C TYR A 174 -12.48 20.75 3.42
N ILE A 175 -12.85 20.91 2.15
CA ILE A 175 -13.24 22.21 1.57
C ILE A 175 -14.42 22.82 2.33
N ASN A 176 -15.43 22.02 2.63
CA ASN A 176 -16.60 22.45 3.40
C ASN A 176 -16.24 23.02 4.79
N ARG A 177 -15.10 22.65 5.35
CA ARG A 177 -14.65 23.11 6.69
C ARG A 177 -13.56 24.19 6.65
N HIS A 178 -12.69 24.14 5.67
CA HIS A 178 -11.47 24.96 5.62
C HIS A 178 -11.44 25.94 4.45
N GLY A 179 -12.39 25.87 3.53
CA GLY A 179 -12.39 26.65 2.31
C GLY A 179 -11.43 26.09 1.26
N GLU A 180 -11.43 26.70 0.08
CA GLU A 180 -10.59 26.31 -1.04
C GLU A 180 -9.43 27.31 -1.23
N PRO A 181 -8.17 26.86 -1.24
CA PRO A 181 -7.05 27.74 -1.55
C PRO A 181 -7.08 28.13 -3.03
N GLN A 182 -6.83 29.41 -3.30
CA GLN A 182 -6.83 29.98 -4.66
C GLN A 182 -5.43 30.09 -5.28
N SER A 183 -4.38 29.97 -4.45
CA SER A 183 -3.00 30.11 -4.89
C SER A 183 -2.06 29.18 -4.09
N VAL A 184 -0.82 29.08 -4.53
CA VAL A 184 0.21 28.35 -3.78
C VAL A 184 0.48 29.00 -2.42
N GLU A 185 0.42 30.33 -2.34
CA GLU A 185 0.64 31.06 -1.08
C GLU A 185 -0.47 30.80 -0.06
N ASP A 186 -1.72 30.57 -0.50
CA ASP A 186 -2.83 30.23 0.38
C ASP A 186 -2.62 28.89 1.12
N LEU A 187 -1.77 28.00 0.59
CA LEU A 187 -1.41 26.74 1.25
C LEU A 187 -0.80 26.96 2.65
N ASP A 188 -0.26 28.14 2.93
CA ASP A 188 0.29 28.49 4.25
C ASP A 188 -0.79 28.52 5.35
N ASN A 189 -2.06 28.69 4.97
CA ASN A 189 -3.22 28.66 5.86
C ASN A 189 -3.96 27.31 5.86
N HIS A 190 -3.46 26.34 5.12
CA HIS A 190 -4.10 25.05 4.93
C HIS A 190 -3.30 23.89 5.53
N ARG A 191 -3.96 22.75 5.68
CA ARG A 191 -3.34 21.50 6.12
C ARG A 191 -2.89 20.72 4.89
N ILE A 192 -1.60 20.47 4.79
CA ILE A 192 -1.05 19.69 3.68
C ILE A 192 -0.69 18.26 4.12
N ILE A 193 -0.86 17.33 3.20
CA ILE A 193 -0.49 15.92 3.32
C ILE A 193 0.60 15.66 2.28
N SER A 194 1.71 15.08 2.69
CA SER A 194 2.83 14.77 1.81
C SER A 194 3.40 13.37 2.07
N PHE A 195 4.39 12.98 1.31
CA PHE A 195 5.00 11.65 1.41
C PHE A 195 5.98 11.57 2.57
N GLY A 196 6.75 12.63 2.77
CA GLY A 196 7.84 12.70 3.72
C GLY A 196 9.17 12.18 3.17
N GLU A 197 10.19 12.24 4.00
CA GLU A 197 11.51 11.67 3.72
C GLU A 197 11.78 10.43 4.59
N PRO A 198 12.54 9.42 4.09
CA PRO A 198 13.14 9.40 2.77
C PRO A 198 12.11 9.09 1.67
N ALA A 199 12.24 9.76 0.52
CA ALA A 199 11.51 9.43 -0.69
C ALA A 199 12.48 8.87 -1.74
N PRO A 200 12.06 7.90 -2.58
CA PRO A 200 12.89 7.40 -3.67
C PRO A 200 13.25 8.50 -4.68
N ASN A 201 14.49 8.51 -5.14
CA ASN A 201 15.01 9.57 -6.01
C ASN A 201 14.27 9.75 -7.35
N TYR A 202 13.54 8.74 -7.80
CA TYR A 202 12.76 8.79 -9.04
C TYR A 202 11.28 9.16 -8.82
N LEU A 203 10.83 9.14 -7.57
CA LEU A 203 9.49 9.59 -7.18
C LEU A 203 9.51 11.11 -7.05
N LEU A 204 9.30 11.76 -8.18
CA LEU A 204 9.36 13.20 -8.31
C LEU A 204 8.16 13.86 -7.62
N ASP A 205 8.40 14.99 -6.98
CA ASP A 205 7.37 15.93 -6.49
C ASP A 205 6.36 15.39 -5.47
N VAL A 206 6.64 14.24 -4.84
CA VAL A 206 5.79 13.69 -3.78
C VAL A 206 5.69 14.57 -2.53
N ASN A 207 6.64 15.51 -2.37
CA ASN A 207 6.65 16.54 -1.32
C ASN A 207 6.48 17.95 -1.91
N TRP A 208 5.91 18.07 -3.12
CA TRP A 208 5.76 19.35 -3.82
C TRP A 208 5.05 20.42 -2.97
N LEU A 209 4.00 20.03 -2.25
CA LEU A 209 3.24 20.94 -1.38
C LEU A 209 4.07 21.56 -0.25
N GLU A 210 5.13 20.89 0.21
CA GLU A 210 6.03 21.43 1.24
C GLU A 210 6.94 22.52 0.67
N ASN A 211 7.32 22.38 -0.60
CA ASN A 211 8.37 23.19 -1.26
C ASN A 211 7.82 24.28 -2.17
N ALA A 212 6.57 24.14 -2.67
CA ALA A 212 5.97 25.05 -3.63
C ALA A 212 5.97 26.51 -3.12
N GLY A 213 6.60 27.39 -3.89
CA GLY A 213 6.73 28.82 -3.56
C GLY A 213 7.64 29.13 -2.36
N ARG A 214 8.36 28.14 -1.81
CA ARG A 214 9.25 28.33 -0.67
C ARG A 214 10.70 27.96 -1.00
N SER A 215 11.62 28.49 -0.21
CA SER A 215 13.03 28.08 -0.26
C SER A 215 13.22 26.74 0.46
N SER A 216 14.27 26.02 0.09
CA SER A 216 14.57 24.69 0.63
C SER A 216 14.81 24.64 2.14
N ASP A 217 15.17 25.77 2.72
CA ASP A 217 15.42 25.97 4.16
C ASP A 217 14.19 26.49 4.92
N ASN A 218 13.09 26.80 4.23
CA ASN A 218 11.85 27.30 4.81
C ASN A 218 10.61 26.61 4.21
N THR A 219 10.60 25.29 4.22
CA THR A 219 9.50 24.47 3.72
C THR A 219 8.25 24.57 4.61
N ARG A 220 7.08 24.25 4.07
CA ARG A 220 5.84 24.15 4.86
C ARG A 220 5.89 22.94 5.79
N ILE A 221 5.33 23.09 6.98
CA ILE A 221 5.18 21.97 7.91
C ILE A 221 3.93 21.18 7.50
N PRO A 222 4.06 19.94 7.04
CA PRO A 222 2.91 19.11 6.70
C PRO A 222 2.16 18.69 7.96
N HIS A 223 0.83 18.63 7.85
CA HIS A 223 -0.03 18.14 8.92
C HIS A 223 0.07 16.62 9.05
N LEU A 224 0.26 15.95 7.93
CA LEU A 224 0.46 14.51 7.85
C LEU A 224 1.48 14.18 6.77
N GLN A 225 2.37 13.25 7.07
CA GLN A 225 3.23 12.60 6.08
C GLN A 225 2.98 11.09 6.11
N ILE A 226 2.89 10.47 4.95
CA ILE A 226 2.80 9.01 4.81
C ILE A 226 3.57 8.58 3.57
N ASN A 227 4.54 7.73 3.72
CA ASN A 227 5.33 7.17 2.60
C ASN A 227 4.55 6.11 1.79
N SER A 228 3.28 6.38 1.49
CA SER A 228 2.39 5.52 0.72
C SER A 228 1.37 6.37 -0.01
N GLN A 229 1.43 6.39 -1.35
CA GLN A 229 0.52 7.18 -2.19
C GLN A 229 -0.95 6.82 -1.98
N THR A 230 -1.26 5.54 -1.82
CA THR A 230 -2.64 5.08 -1.56
C THR A 230 -3.15 5.53 -0.19
N SER A 231 -2.29 5.58 0.82
CA SER A 231 -2.64 6.09 2.14
C SER A 231 -2.79 7.62 2.12
N ILE A 232 -1.97 8.35 1.34
CA ILE A 232 -2.16 9.79 1.13
C ILE A 232 -3.53 10.05 0.47
N LYS A 233 -3.91 9.29 -0.56
CA LYS A 233 -5.26 9.38 -1.15
C LYS A 233 -6.34 9.14 -0.09
N ARG A 234 -6.19 8.10 0.73
CA ARG A 234 -7.14 7.79 1.79
C ARG A 234 -7.25 8.94 2.81
N ALA A 235 -6.12 9.46 3.24
CA ALA A 235 -6.07 10.60 4.17
C ALA A 235 -6.71 11.86 3.57
N CYS A 236 -6.51 12.11 2.29
CA CYS A 236 -7.13 13.20 1.54
C CYS A 236 -8.67 13.02 1.48
N LEU A 237 -9.15 11.81 1.13
CA LEU A 237 -10.58 11.47 1.10
C LEU A 237 -11.25 11.61 2.47
N LEU A 238 -10.53 11.31 3.55
CA LEU A 238 -10.99 11.50 4.92
C LEU A 238 -11.03 12.98 5.36
N GLY A 239 -10.61 13.89 4.51
CA GLY A 239 -10.61 15.33 4.78
C GLY A 239 -9.54 15.78 5.78
N ILE A 240 -8.41 15.08 5.86
CA ILE A 240 -7.30 15.49 6.73
C ILE A 240 -6.60 16.75 6.21
N GLY A 241 -6.50 16.87 4.89
CA GLY A 241 -5.79 17.97 4.24
C GLY A 241 -5.74 17.85 2.72
N ILE A 242 -4.95 18.74 2.15
CA ILE A 242 -4.68 18.84 0.72
C ILE A 242 -3.52 17.90 0.37
N ALA A 243 -3.62 17.19 -0.75
CA ALA A 243 -2.60 16.25 -1.20
C ALA A 243 -2.22 16.48 -2.66
N CYS A 244 -0.95 16.29 -2.98
CA CYS A 244 -0.46 16.19 -4.36
C CYS A 244 -0.36 14.71 -4.74
N LEU A 245 -1.07 14.28 -5.77
CA LEU A 245 -1.19 12.88 -6.15
C LEU A 245 -1.07 12.68 -7.67
N PRO A 246 -0.48 11.59 -8.12
CA PRO A 246 -0.50 11.22 -9.52
C PRO A 246 -1.88 10.69 -9.93
N ASP A 247 -2.22 10.91 -11.20
CA ASP A 247 -3.48 10.47 -11.82
C ASP A 247 -3.76 8.96 -11.63
N TYR A 248 -2.74 8.09 -11.72
CA TYR A 248 -2.92 6.64 -11.54
C TYR A 248 -3.31 6.21 -10.11
N ILE A 249 -3.12 7.08 -9.12
CA ILE A 249 -3.60 6.87 -7.75
C ILE A 249 -5.02 7.40 -7.60
N VAL A 250 -5.27 8.57 -8.16
CA VAL A 250 -6.57 9.25 -8.04
C VAL A 250 -7.65 8.52 -8.83
N GLY A 251 -7.38 8.22 -10.11
CA GLY A 251 -8.33 7.55 -10.99
C GLY A 251 -9.33 8.49 -11.66
N ARG A 252 -10.28 7.91 -12.43
CA ARG A 252 -11.25 8.68 -13.24
C ARG A 252 -12.38 9.30 -12.44
N ASP A 253 -12.75 8.67 -11.34
CA ASP A 253 -13.85 9.11 -10.47
C ASP A 253 -13.32 9.20 -9.03
N PRO A 254 -12.57 10.25 -8.74
CA PRO A 254 -11.78 10.28 -7.51
C PRO A 254 -12.59 10.54 -6.24
N GLY A 255 -13.76 11.19 -6.37
CA GLY A 255 -14.42 11.78 -5.20
C GLY A 255 -13.64 12.95 -4.57
N LEU A 256 -12.61 13.45 -5.27
CA LEU A 256 -11.76 14.55 -4.84
C LEU A 256 -11.92 15.76 -5.79
N ILE A 257 -11.84 16.96 -5.22
CA ILE A 257 -11.80 18.20 -5.97
C ILE A 257 -10.36 18.43 -6.41
N GLN A 258 -10.14 18.70 -7.70
CA GLN A 258 -8.84 19.15 -8.19
C GLN A 258 -8.71 20.66 -8.00
N LEU A 259 -7.69 21.09 -7.26
CA LEU A 259 -7.44 22.48 -6.95
C LEU A 259 -6.55 23.13 -8.02
N SER A 260 -6.99 24.28 -8.53
CA SER A 260 -6.25 25.07 -9.50
C SER A 260 -5.43 26.15 -8.79
N LEU A 261 -4.20 25.83 -8.40
CA LEU A 261 -3.33 26.75 -7.65
C LEU A 261 -2.46 27.67 -8.53
N ALA A 262 -2.79 27.76 -9.84
CA ALA A 262 -1.98 28.51 -10.83
C ALA A 262 -0.50 28.09 -10.87
N ALA A 263 -0.22 26.82 -10.63
CA ALA A 263 1.12 26.24 -10.67
C ALA A 263 1.08 24.91 -11.43
N ASP A 264 2.09 24.70 -12.28
CA ASP A 264 2.29 23.43 -12.97
C ASP A 264 3.27 22.55 -12.18
N ILE A 265 2.88 21.31 -11.97
CA ILE A 265 3.75 20.26 -11.41
C ILE A 265 4.30 19.45 -12.59
N PRO A 266 5.60 19.15 -12.62
CA PRO A 266 6.19 18.39 -13.72
C PRO A 266 5.49 17.04 -13.93
N SER A 267 5.21 16.70 -15.19
CA SER A 267 4.80 15.35 -15.58
C SER A 267 6.02 14.45 -15.78
N PHE A 268 5.80 13.15 -15.72
CA PHE A 268 6.82 12.15 -16.00
C PHE A 268 6.24 10.97 -16.79
N ASP A 269 7.10 10.26 -17.51
CA ASP A 269 6.70 9.11 -18.30
C ASP A 269 6.94 7.80 -17.55
N THR A 270 6.02 6.84 -17.74
CA THR A 270 6.20 5.46 -17.31
C THR A 270 6.69 4.58 -18.46
N TYR A 271 7.44 3.53 -18.12
CA TYR A 271 8.04 2.62 -19.08
C TYR A 271 7.83 1.17 -18.65
N PHE A 272 7.47 0.30 -19.60
CA PHE A 272 7.57 -1.13 -19.45
C PHE A 272 8.94 -1.59 -19.96
N CYS A 273 9.63 -2.41 -19.18
CA CYS A 273 10.93 -2.93 -19.56
C CYS A 273 11.10 -4.41 -19.16
N TYR A 274 11.96 -5.09 -19.90
CA TYR A 274 12.26 -6.50 -19.70
C TYR A 274 13.63 -6.86 -20.32
N PRO A 275 14.33 -7.87 -19.81
CA PRO A 275 15.61 -8.29 -20.37
C PRO A 275 15.42 -8.98 -21.73
N ASP A 276 16.42 -8.89 -22.61
CA ASP A 276 16.38 -9.49 -23.95
C ASP A 276 16.14 -11.02 -23.92
N GLU A 277 16.57 -11.67 -22.85
CA GLU A 277 16.35 -13.10 -22.60
C GLU A 277 14.86 -13.49 -22.63
N MET A 278 13.99 -12.56 -22.20
CA MET A 278 12.56 -12.79 -22.07
C MET A 278 11.75 -12.44 -23.34
N LYS A 279 12.38 -11.82 -24.35
CA LYS A 279 11.67 -11.26 -25.53
C LYS A 279 10.84 -12.27 -26.32
N ASN A 280 11.18 -13.55 -26.25
CA ASN A 280 10.50 -14.61 -26.98
C ASN A 280 9.52 -15.43 -26.12
N ALA A 281 9.49 -15.21 -24.81
CA ALA A 281 8.58 -15.92 -23.92
C ALA A 281 7.12 -15.51 -24.19
N ALA A 282 6.26 -16.47 -24.53
CA ALA A 282 4.85 -16.22 -24.84
C ALA A 282 4.14 -15.50 -23.68
N LYS A 283 4.35 -15.94 -22.44
CA LYS A 283 3.82 -15.30 -21.23
C LYS A 283 4.18 -13.81 -21.10
N LEU A 284 5.40 -13.42 -21.50
CA LEU A 284 5.82 -12.03 -21.46
C LEU A 284 5.20 -11.22 -22.60
N LYS A 285 5.13 -11.79 -23.81
CA LYS A 285 4.49 -11.11 -24.96
C LYS A 285 3.04 -10.80 -24.66
N ALA A 286 2.28 -11.77 -24.16
CA ALA A 286 0.90 -11.61 -23.74
C ALA A 286 0.74 -10.45 -22.74
N PHE A 287 1.55 -10.46 -21.68
CA PHE A 287 1.47 -9.41 -20.66
C PHE A 287 1.93 -8.04 -21.18
N ARG A 288 3.01 -7.99 -21.95
CA ARG A 288 3.52 -6.75 -22.56
C ARG A 288 2.48 -6.09 -23.45
N ASP A 289 1.91 -6.87 -24.37
CA ASP A 289 0.99 -6.35 -25.37
C ASP A 289 -0.32 -5.89 -24.71
N PHE A 290 -0.79 -6.64 -23.71
CA PHE A 290 -1.90 -6.22 -22.85
C PHE A 290 -1.63 -4.90 -22.13
N ILE A 291 -0.49 -4.78 -21.43
CA ILE A 291 -0.14 -3.57 -20.68
C ILE A 291 0.03 -2.35 -21.59
N VAL A 292 0.68 -2.53 -22.75
CA VAL A 292 0.83 -1.47 -23.74
C VAL A 292 -0.53 -1.00 -24.26
N ALA A 293 -1.45 -1.92 -24.54
CA ALA A 293 -2.80 -1.59 -24.96
C ALA A 293 -3.56 -0.83 -23.86
N LYS A 294 -3.50 -1.31 -22.60
CA LYS A 294 -4.15 -0.65 -21.47
C LYS A 294 -3.59 0.74 -21.19
N ALA A 295 -2.28 0.91 -21.30
CA ALA A 295 -1.62 2.21 -21.12
C ALA A 295 -2.09 3.23 -22.16
N ARG A 296 -2.20 2.84 -23.45
CA ARG A 296 -2.71 3.72 -24.51
C ARG A 296 -4.16 4.15 -24.28
N ASN A 297 -4.96 3.31 -23.64
CA ASN A 297 -6.37 3.60 -23.36
C ASN A 297 -6.58 4.38 -22.06
N TRP A 298 -5.49 4.59 -21.32
CA TRP A 298 -5.50 5.29 -20.04
C TRP A 298 -5.41 6.81 -20.25
N ASN A 299 -6.45 7.36 -20.90
CA ASN A 299 -6.67 8.80 -20.93
C ASN A 299 -7.35 9.19 -19.61
N PHE A 300 -6.58 9.71 -18.68
CA PHE A 300 -7.05 10.48 -17.55
C PHE A 300 -7.19 11.95 -17.96
N GLY B 95 3.70 19.82 17.64
CA GLY B 95 4.85 19.34 16.90
C GLY B 95 4.66 17.95 16.28
N LYS B 96 5.74 17.47 15.64
CA LYS B 96 5.74 16.25 14.85
C LYS B 96 6.01 15.02 15.73
N LEU B 97 5.17 14.00 15.55
CA LEU B 97 5.41 12.65 16.07
C LEU B 97 5.61 11.69 14.89
N ARG B 98 6.70 10.96 14.90
CA ARG B 98 7.00 9.93 13.88
C ARG B 98 6.53 8.56 14.40
N VAL B 99 5.70 7.89 13.63
CA VAL B 99 5.14 6.59 13.97
C VAL B 99 5.50 5.61 12.86
N THR B 100 6.13 4.49 13.20
CA THR B 100 6.44 3.44 12.23
C THR B 100 5.55 2.21 12.46
N THR B 101 5.17 1.54 11.37
CA THR B 101 4.50 0.23 11.42
C THR B 101 4.65 -0.47 10.07
N THR B 102 4.13 -1.68 9.97
CA THR B 102 4.09 -2.40 8.68
C THR B 102 3.21 -1.66 7.67
N VAL B 103 3.47 -1.89 6.38
CA VAL B 103 2.68 -1.31 5.29
C VAL B 103 1.20 -1.70 5.40
N GLY B 104 0.91 -2.98 5.66
CA GLY B 104 -0.46 -3.48 5.77
C GLY B 104 -1.27 -2.82 6.90
N LEU B 105 -0.71 -2.78 8.10
CA LEU B 105 -1.38 -2.15 9.24
C LEU B 105 -1.52 -0.63 9.05
N GLY B 106 -0.50 0.00 8.48
CA GLY B 106 -0.52 1.43 8.20
C GLY B 106 -1.61 1.82 7.19
N GLN B 107 -1.71 1.08 6.10
CA GLN B 107 -2.71 1.33 5.06
C GLN B 107 -4.12 0.88 5.47
N GLY B 108 -4.25 -0.27 6.14
CA GLY B 108 -5.54 -0.87 6.45
C GLY B 108 -6.25 -0.31 7.68
N TRP B 109 -5.51 0.15 8.67
CA TRP B 109 -6.07 0.58 9.96
C TRP B 109 -5.56 1.93 10.47
N LEU B 110 -4.25 2.14 10.47
CA LEU B 110 -3.65 3.28 11.17
C LEU B 110 -3.95 4.63 10.51
N THR B 111 -4.05 4.71 9.18
CA THR B 111 -4.38 5.94 8.46
C THR B 111 -5.71 6.52 8.94
N ASP B 112 -6.75 5.69 9.03
CA ASP B 112 -8.07 6.12 9.51
C ASP B 112 -8.02 6.52 11.00
N LYS B 113 -7.21 5.85 11.82
CA LYS B 113 -7.03 6.22 13.22
C LYS B 113 -6.28 7.55 13.38
N VAL B 114 -5.33 7.83 12.50
CA VAL B 114 -4.59 9.09 12.49
C VAL B 114 -5.51 10.27 12.11
N GLN B 115 -6.49 10.07 11.23
CA GLN B 115 -7.52 11.08 10.97
C GLN B 115 -8.28 11.44 12.25
N GLU B 116 -8.77 10.44 12.97
CA GLU B 116 -9.45 10.65 14.25
C GLU B 116 -8.53 11.36 15.25
N PHE B 117 -7.24 10.98 15.33
CA PHE B 117 -6.27 11.58 16.23
C PHE B 117 -6.00 13.06 15.92
N LEU B 118 -5.77 13.40 14.66
CA LEU B 118 -5.47 14.77 14.23
C LEU B 118 -6.67 15.71 14.37
N GLN B 119 -7.90 15.19 14.38
CA GLN B 119 -9.08 15.99 14.73
C GLN B 119 -9.07 16.41 16.22
N LEU B 120 -8.49 15.58 17.08
CA LEU B 120 -8.42 15.83 18.52
C LEU B 120 -7.23 16.72 18.90
N TYR B 121 -6.11 16.55 18.19
CA TYR B 121 -4.85 17.26 18.43
C TYR B 121 -4.39 18.02 17.19
N PRO B 122 -5.12 19.08 16.78
CA PRO B 122 -4.88 19.76 15.51
C PRO B 122 -3.54 20.51 15.46
N GLU B 123 -2.91 20.78 16.62
CA GLU B 123 -1.58 21.42 16.68
C GLU B 123 -0.44 20.39 16.58
N MET B 124 -0.75 19.11 16.52
CA MET B 124 0.22 18.07 16.20
C MET B 124 0.28 17.81 14.69
N SER B 125 1.41 17.29 14.27
CA SER B 125 1.56 16.64 12.97
C SER B 125 2.08 15.22 13.17
N ILE B 126 1.73 14.33 12.25
CA ILE B 126 2.15 12.94 12.26
C ILE B 126 2.95 12.64 10.99
N GLN B 127 4.03 11.91 11.15
CA GLN B 127 4.68 11.19 10.05
C GLN B 127 4.49 9.70 10.27
N LEU B 128 3.74 9.05 9.37
CA LEU B 128 3.71 7.60 9.29
C LEU B 128 4.84 7.13 8.38
N ILE B 129 5.68 6.26 8.90
CA ILE B 129 6.76 5.61 8.17
C ILE B 129 6.38 4.13 8.06
N LEU B 130 5.85 3.75 6.90
CA LEU B 130 5.38 2.40 6.65
C LEU B 130 6.52 1.59 6.02
N ASP B 131 6.92 0.54 6.72
CA ASP B 131 7.98 -0.36 6.26
C ASP B 131 7.70 -1.78 6.75
N ASN B 132 7.94 -2.75 5.90
CA ASN B 132 7.86 -4.16 6.28
C ASN B 132 9.17 -4.64 6.92
N GLU B 133 10.27 -3.92 6.73
CA GLU B 133 11.43 -4.08 7.58
C GLU B 133 11.19 -3.34 8.91
N GLU B 134 11.55 -3.96 10.02
CA GLU B 134 11.37 -3.33 11.33
C GLU B 134 12.39 -2.21 11.53
N LEU B 135 12.00 -0.98 11.21
CA LEU B 135 12.81 0.20 11.49
C LEU B 135 13.16 0.30 12.98
N ASP B 136 14.45 0.51 13.26
CA ASP B 136 14.93 0.63 14.63
C ASP B 136 14.47 1.97 15.26
N VAL B 137 13.58 1.85 16.23
CA VAL B 137 13.02 3.02 16.95
C VAL B 137 14.08 3.67 17.84
N ASN B 138 15.00 2.87 18.40
CA ASN B 138 16.07 3.40 19.25
C ASN B 138 17.11 4.20 18.45
N MET B 139 17.30 3.87 17.17
CA MET B 139 18.13 4.67 16.26
C MET B 139 17.45 5.97 15.80
N ARG B 140 16.33 6.37 16.43
CA ARG B 140 15.60 7.61 16.15
C ARG B 140 15.08 7.73 14.70
N HIS B 141 14.87 6.61 14.02
CA HIS B 141 14.15 6.58 12.74
C HIS B 141 12.68 6.95 12.93
N ALA B 142 12.09 6.55 14.07
CA ALA B 142 10.76 6.93 14.52
C ALA B 142 10.75 7.23 16.03
N ASP B 143 9.66 7.85 16.51
CA ASP B 143 9.47 8.13 17.94
C ASP B 143 8.73 6.98 18.66
N CYS B 144 7.95 6.20 17.92
CA CYS B 144 7.23 5.03 18.40
C CYS B 144 6.90 4.09 17.23
N ALA B 145 6.45 2.87 17.57
CA ALA B 145 6.09 1.87 16.57
C ALA B 145 4.85 1.05 16.98
N ILE B 146 4.13 0.55 16.00
CA ILE B 146 3.20 -0.57 16.17
C ILE B 146 3.82 -1.79 15.48
N ARG B 147 4.04 -2.85 16.26
CA ARG B 147 4.66 -4.11 15.80
C ARG B 147 3.63 -5.24 15.75
N LEU B 148 3.80 -6.15 14.81
CA LEU B 148 2.97 -7.37 14.68
C LEU B 148 3.49 -8.55 15.51
N ARG B 149 4.57 -8.35 16.26
CA ARG B 149 5.13 -9.30 17.23
C ARG B 149 5.60 -8.56 18.46
N GLN B 150 5.79 -9.27 19.56
CA GLN B 150 6.30 -8.67 20.77
C GLN B 150 7.74 -8.17 20.58
N PRO B 151 8.00 -6.87 20.80
CA PRO B 151 9.36 -6.33 20.75
C PRO B 151 10.27 -7.06 21.74
N GLN B 152 11.45 -7.44 21.28
CA GLN B 152 12.45 -8.14 22.09
C GLN B 152 13.50 -7.21 22.72
N GLN B 153 13.56 -5.95 22.27
CA GLN B 153 14.46 -4.97 22.85
C GLN B 153 14.03 -4.60 24.27
N SER B 154 14.95 -4.76 25.24
CA SER B 154 14.69 -4.54 26.66
C SER B 154 14.55 -3.06 27.06
N ASP B 155 14.99 -2.16 26.21
CA ASP B 155 14.98 -0.71 26.38
C ASP B 155 13.75 -0.04 25.74
N LEU B 156 12.83 -0.83 25.16
CA LEU B 156 11.54 -0.36 24.67
C LEU B 156 10.43 -0.59 25.71
N ILE B 157 9.72 0.48 26.05
CA ILE B 157 8.43 0.39 26.73
C ILE B 157 7.42 -0.15 25.73
N GLN B 158 6.66 -1.18 26.11
CA GLN B 158 5.68 -1.81 25.24
C GLN B 158 4.33 -2.01 25.92
N ARG B 159 3.25 -1.93 25.13
CA ARG B 159 1.89 -2.31 25.53
C ARG B 159 1.28 -3.18 24.43
N LYS B 160 0.71 -4.32 24.83
CA LYS B 160 -0.16 -5.10 23.95
C LYS B 160 -1.36 -4.24 23.54
N LEU B 161 -1.70 -4.26 22.26
CA LEU B 161 -2.86 -3.56 21.70
C LEU B 161 -4.05 -4.52 21.55
N PHE B 162 -4.12 -5.24 20.44
CA PHE B 162 -5.17 -6.19 20.12
C PHE B 162 -4.59 -7.48 19.53
N THR B 163 -5.39 -8.53 19.58
CA THR B 163 -5.09 -9.79 18.89
C THR B 163 -5.62 -9.71 17.46
N VAL B 164 -4.82 -10.12 16.51
CA VAL B 164 -5.18 -10.19 15.09
C VAL B 164 -5.54 -11.63 14.75
N HIS B 165 -6.67 -11.80 14.08
CA HIS B 165 -7.09 -13.07 13.52
C HIS B 165 -6.94 -13.05 12.00
N MET B 166 -6.47 -14.15 11.44
CA MET B 166 -6.42 -14.39 10.00
C MET B 166 -7.62 -15.25 9.61
N HIS B 167 -8.31 -14.87 8.55
CA HIS B 167 -9.40 -15.65 7.98
C HIS B 167 -9.27 -15.76 6.46
N VAL B 168 -9.96 -16.73 5.89
CA VAL B 168 -10.01 -16.95 4.44
C VAL B 168 -11.26 -16.28 3.88
N TYR B 169 -11.11 -15.56 2.78
CA TYR B 169 -12.18 -14.78 2.17
C TYR B 169 -12.26 -14.99 0.66
N ALA B 170 -13.46 -14.83 0.13
CA ALA B 170 -13.71 -14.68 -1.31
C ALA B 170 -14.79 -13.62 -1.57
N ALA B 171 -14.76 -13.01 -2.74
CA ALA B 171 -15.82 -12.10 -3.17
C ALA B 171 -17.06 -12.87 -3.64
N PRO B 172 -18.26 -12.30 -3.50
CA PRO B 172 -19.47 -12.83 -4.13
C PRO B 172 -19.29 -13.15 -5.63
N SER B 173 -18.62 -12.26 -6.36
CA SER B 173 -18.36 -12.45 -7.80
C SER B 173 -17.45 -13.64 -8.13
N TYR B 174 -16.61 -14.07 -7.19
CA TYR B 174 -15.80 -15.29 -7.31
C TYR B 174 -16.66 -16.53 -7.03
N ILE B 175 -17.36 -16.55 -5.90
CA ILE B 175 -18.22 -17.65 -5.47
C ILE B 175 -19.32 -17.95 -6.51
N ASN B 176 -19.95 -16.90 -7.04
CA ASN B 176 -20.98 -17.03 -8.09
C ASN B 176 -20.47 -17.73 -9.36
N ARG B 177 -19.17 -17.73 -9.60
CA ARG B 177 -18.55 -18.34 -10.81
C ARG B 177 -17.86 -19.66 -10.54
N HIS B 178 -17.26 -19.82 -9.36
CA HIS B 178 -16.38 -20.95 -9.06
C HIS B 178 -16.90 -21.86 -7.95
N GLY B 179 -18.00 -21.49 -7.29
CA GLY B 179 -18.50 -22.20 -6.12
C GLY B 179 -17.71 -21.88 -4.85
N GLU B 180 -18.17 -22.41 -3.72
CA GLU B 180 -17.54 -22.24 -2.42
C GLU B 180 -16.80 -23.51 -2.00
N PRO B 181 -15.50 -23.44 -1.68
CA PRO B 181 -14.77 -24.57 -1.13
C PRO B 181 -15.27 -24.89 0.29
N GLN B 182 -15.47 -26.18 0.57
CA GLN B 182 -15.95 -26.66 1.87
C GLN B 182 -14.84 -27.15 2.80
N SER B 183 -13.63 -27.34 2.26
CA SER B 183 -12.46 -27.85 3.01
C SER B 183 -11.16 -27.25 2.49
N VAL B 184 -10.07 -27.48 3.21
CA VAL B 184 -8.72 -27.09 2.76
C VAL B 184 -8.34 -27.84 1.48
N GLU B 185 -8.75 -29.10 1.34
CA GLU B 185 -8.45 -29.90 0.15
C GLU B 185 -9.16 -29.39 -1.11
N ASP B 186 -10.36 -28.81 -0.96
CA ASP B 186 -11.08 -28.22 -2.07
C ASP B 186 -10.34 -27.02 -2.69
N LEU B 187 -9.43 -26.38 -1.95
CA LEU B 187 -8.58 -25.30 -2.48
C LEU B 187 -7.74 -25.72 -3.68
N ASP B 188 -7.51 -27.02 -3.86
CA ASP B 188 -6.78 -27.55 -5.02
C ASP B 188 -7.51 -27.31 -6.35
N ASN B 189 -8.85 -27.11 -6.29
CA ASN B 189 -9.69 -26.79 -7.45
C ASN B 189 -10.00 -25.29 -7.56
N HIS B 190 -9.44 -24.48 -6.71
CA HIS B 190 -9.72 -23.05 -6.62
C HIS B 190 -8.51 -22.18 -6.97
N ARG B 191 -8.76 -20.91 -7.24
CA ARG B 191 -7.73 -19.90 -7.48
C ARG B 191 -7.38 -19.24 -6.15
N ILE B 192 -6.14 -19.35 -5.73
CA ILE B 192 -5.67 -18.72 -4.51
C ILE B 192 -4.83 -17.47 -4.80
N ILE B 193 -4.95 -16.49 -3.92
CA ILE B 193 -4.17 -15.25 -3.90
C ILE B 193 -3.34 -15.26 -2.61
N SER B 194 -2.05 -15.02 -2.72
CA SER B 194 -1.13 -15.01 -1.59
C SER B 194 -0.15 -13.84 -1.67
N PHE B 195 0.71 -13.71 -0.66
CA PHE B 195 1.67 -12.61 -0.58
C PHE B 195 2.89 -12.86 -1.47
N GLY B 196 3.35 -14.10 -1.51
CA GLY B 196 4.58 -14.51 -2.16
C GLY B 196 5.82 -14.36 -1.29
N GLU B 197 6.96 -14.73 -1.86
CA GLU B 197 8.28 -14.56 -1.24
C GLU B 197 9.08 -13.47 -1.98
N PRO B 198 9.95 -12.69 -1.28
CA PRO B 198 10.20 -12.78 0.15
C PRO B 198 9.06 -12.16 0.98
N ALA B 199 8.71 -12.80 2.10
CA ALA B 199 7.84 -12.24 3.12
C ALA B 199 8.66 -11.93 4.39
N PRO B 200 8.33 -10.87 5.14
CA PRO B 200 8.99 -10.57 6.41
C PRO B 200 8.77 -11.70 7.42
N ASN B 201 9.80 -12.04 8.16
CA ASN B 201 9.78 -13.17 9.11
C ASN B 201 8.72 -13.08 10.22
N TYR B 202 8.22 -11.90 10.52
CA TYR B 202 7.19 -11.68 11.53
C TYR B 202 5.77 -11.61 10.95
N LEU B 203 5.63 -11.52 9.63
CA LEU B 203 4.37 -11.58 8.91
C LEU B 203 3.98 -13.05 8.74
N LEU B 204 3.33 -13.58 9.77
CA LEU B 204 2.94 -14.97 9.84
C LEU B 204 1.80 -15.28 8.87
N ASP B 205 1.86 -16.45 8.27
CA ASP B 205 0.76 -17.09 7.52
C ASP B 205 0.22 -16.31 6.30
N VAL B 206 0.97 -15.33 5.80
CA VAL B 206 0.59 -14.58 4.57
C VAL B 206 0.54 -15.46 3.31
N ASN B 207 1.19 -16.63 3.35
CA ASN B 207 1.16 -17.66 2.31
C ASN B 207 0.46 -18.95 2.80
N TRP B 208 -0.38 -18.86 3.83
CA TRP B 208 -1.05 -20.02 4.43
C TRP B 208 -1.81 -20.88 3.41
N LEU B 209 -2.50 -20.25 2.46
CA LEU B 209 -3.26 -20.93 1.41
C LEU B 209 -2.39 -21.80 0.48
N GLU B 210 -1.11 -21.46 0.32
CA GLU B 210 -0.17 -22.28 -0.48
C GLU B 210 0.23 -23.56 0.25
N ASN B 211 0.31 -23.49 1.58
CA ASN B 211 0.90 -24.52 2.42
C ASN B 211 -0.13 -25.40 3.14
N ALA B 212 -1.38 -24.89 3.34
CA ALA B 212 -2.41 -25.55 4.10
C ALA B 212 -2.71 -26.97 3.57
N GLY B 213 -2.54 -27.97 4.44
CA GLY B 213 -2.75 -29.39 4.09
C GLY B 213 -1.71 -29.98 3.12
N ARG B 214 -0.64 -29.25 2.81
CA ARG B 214 0.43 -29.72 1.91
C ARG B 214 1.79 -29.77 2.59
N SER B 215 2.69 -30.57 2.02
CA SER B 215 4.10 -30.57 2.42
C SER B 215 4.83 -29.36 1.82
N SER B 216 5.93 -28.95 2.46
CA SER B 216 6.70 -27.77 2.05
C SER B 216 7.30 -27.85 0.63
N ASP B 217 7.46 -29.06 0.12
CA ASP B 217 7.97 -29.36 -1.21
C ASP B 217 6.88 -29.54 -2.27
N ASN B 218 5.61 -29.52 -1.87
CA ASN B 218 4.45 -29.67 -2.75
C ASN B 218 3.36 -28.63 -2.44
N THR B 219 3.71 -27.36 -2.41
CA THR B 219 2.80 -26.25 -2.17
C THR B 219 1.83 -26.04 -3.33
N ARG B 220 0.69 -25.38 -3.08
CA ARG B 220 -0.24 -24.96 -4.13
C ARG B 220 0.37 -23.85 -4.98
N ILE B 221 0.08 -23.89 -6.28
CA ILE B 221 0.48 -22.80 -7.19
C ILE B 221 -0.55 -21.68 -7.07
N PRO B 222 -0.19 -20.51 -6.55
CA PRO B 222 -1.10 -19.38 -6.46
C PRO B 222 -1.40 -18.82 -7.85
N HIS B 223 -2.64 -18.38 -8.05
CA HIS B 223 -3.04 -17.70 -9.28
C HIS B 223 -2.49 -16.27 -9.35
N LEU B 224 -2.40 -15.65 -8.18
CA LEU B 224 -1.82 -14.31 -8.01
C LEU B 224 -1.03 -14.25 -6.71
N GLN B 225 0.14 -13.61 -6.76
CA GLN B 225 0.87 -13.19 -5.57
C GLN B 225 1.08 -11.68 -5.61
N ILE B 226 0.90 -11.02 -4.49
CA ILE B 226 1.18 -9.58 -4.33
C ILE B 226 1.72 -9.35 -2.92
N ASN B 227 2.92 -8.80 -2.80
CA ASN B 227 3.53 -8.45 -1.51
C ASN B 227 2.92 -7.18 -0.88
N SER B 228 1.59 -7.08 -0.91
CA SER B 228 0.83 -5.98 -0.33
C SER B 228 -0.55 -6.47 0.11
N GLN B 229 -0.81 -6.47 1.41
CA GLN B 229 -2.08 -6.94 1.98
C GLN B 229 -3.29 -6.18 1.44
N THR B 230 -3.19 -4.87 1.25
CA THR B 230 -4.28 -4.05 0.69
C THR B 230 -4.56 -4.40 -0.77
N SER B 231 -3.52 -4.72 -1.55
CA SER B 231 -3.67 -5.17 -2.93
C SER B 231 -4.25 -6.59 -3.01
N ILE B 232 -3.89 -7.49 -2.07
CA ILE B 232 -4.52 -8.81 -1.95
C ILE B 232 -6.03 -8.65 -1.67
N LYS B 233 -6.41 -7.78 -0.73
CA LYS B 233 -7.82 -7.46 -0.48
C LYS B 233 -8.51 -6.96 -1.75
N ARG B 234 -7.89 -6.04 -2.49
CA ARG B 234 -8.43 -5.51 -3.74
C ARG B 234 -8.60 -6.62 -4.79
N ALA B 235 -7.61 -7.46 -4.96
CA ALA B 235 -7.66 -8.60 -5.88
C ALA B 235 -8.75 -9.61 -5.50
N CYS B 236 -8.94 -9.85 -4.20
CA CYS B 236 -10.01 -10.69 -3.67
C CYS B 236 -11.39 -10.09 -3.98
N LEU B 237 -11.59 -8.78 -3.71
CA LEU B 237 -12.83 -8.06 -4.02
C LEU B 237 -13.16 -8.05 -5.51
N LEU B 238 -12.14 -8.00 -6.37
CA LEU B 238 -12.29 -8.11 -7.82
C LEU B 238 -12.64 -9.53 -8.30
N GLY B 239 -12.71 -10.50 -7.40
CA GLY B 239 -13.05 -11.89 -7.72
C GLY B 239 -11.96 -12.66 -8.45
N ILE B 240 -10.68 -12.31 -8.24
CA ILE B 240 -9.55 -13.05 -8.83
C ILE B 240 -9.40 -14.43 -8.18
N GLY B 241 -9.65 -14.52 -6.88
CA GLY B 241 -9.46 -15.75 -6.12
C GLY B 241 -9.75 -15.59 -4.64
N ILE B 242 -9.40 -16.66 -3.91
CA ILE B 242 -9.52 -16.77 -2.47
C ILE B 242 -8.26 -16.19 -1.82
N ALA B 243 -8.42 -15.43 -0.74
CA ALA B 243 -7.32 -14.81 -0.03
C ALA B 243 -7.38 -15.08 1.48
N CYS B 244 -6.22 -15.24 2.11
CA CYS B 244 -6.07 -15.23 3.56
C CYS B 244 -5.65 -13.83 4.00
N LEU B 245 -6.44 -13.18 4.84
CA LEU B 245 -6.24 -11.78 5.22
C LEU B 245 -6.45 -11.59 6.73
N PRO B 246 -5.68 -10.68 7.35
CA PRO B 246 -5.93 -10.26 8.72
C PRO B 246 -7.16 -9.35 8.80
N ASP B 247 -7.85 -9.42 9.95
CA ASP B 247 -9.04 -8.62 10.25
C ASP B 247 -8.84 -7.11 10.06
N TYR B 248 -7.66 -6.55 10.42
CA TYR B 248 -7.36 -5.13 10.25
C TYR B 248 -7.28 -4.67 8.78
N ILE B 249 -7.10 -5.58 7.84
CA ILE B 249 -7.16 -5.29 6.41
C ILE B 249 -8.59 -5.40 5.90
N VAL B 250 -9.29 -6.44 6.34
CA VAL B 250 -10.65 -6.74 5.88
C VAL B 250 -11.65 -5.70 6.42
N GLY B 251 -11.62 -5.44 7.73
CA GLY B 251 -12.51 -4.50 8.39
C GLY B 251 -13.88 -5.09 8.75
N ARG B 252 -14.77 -4.26 9.28
CA ARG B 252 -16.09 -4.69 9.82
C ARG B 252 -17.14 -4.98 8.74
N ASP B 253 -17.03 -4.31 7.61
CA ASP B 253 -17.96 -4.45 6.49
C ASP B 253 -17.15 -4.73 5.21
N PRO B 254 -16.69 -5.97 5.07
CA PRO B 254 -15.69 -6.28 4.06
C PRO B 254 -16.21 -6.34 2.63
N GLY B 255 -17.50 -6.62 2.45
CA GLY B 255 -18.01 -7.05 1.14
C GLY B 255 -17.47 -8.41 0.69
N LEU B 256 -16.82 -9.17 1.59
CA LEU B 256 -16.24 -10.48 1.34
C LEU B 256 -16.96 -11.55 2.17
N ILE B 257 -17.09 -12.74 1.61
CA ILE B 257 -17.57 -13.93 2.31
C ILE B 257 -16.40 -14.54 3.07
N GLN B 258 -16.59 -14.81 4.37
CA GLN B 258 -15.63 -15.57 5.15
C GLN B 258 -15.88 -17.07 4.94
N LEU B 259 -14.88 -17.78 4.46
CA LEU B 259 -14.95 -19.21 4.18
C LEU B 259 -14.58 -20.04 5.42
N SER B 260 -15.43 -21.00 5.76
CA SER B 260 -15.19 -21.94 6.86
C SER B 260 -14.57 -23.22 6.34
N LEU B 261 -13.23 -23.28 6.26
CA LEU B 261 -12.51 -24.43 5.71
C LEU B 261 -12.18 -25.52 6.76
N ALA B 262 -12.81 -25.48 7.93
CA ALA B 262 -12.53 -26.38 9.05
C ALA B 262 -11.03 -26.39 9.46
N ALA B 263 -10.36 -25.27 9.34
CA ALA B 263 -8.98 -25.09 9.72
C ALA B 263 -8.80 -23.76 10.49
N ASP B 264 -8.02 -23.81 11.57
CA ASP B 264 -7.65 -22.62 12.33
C ASP B 264 -6.30 -22.09 11.83
N ILE B 265 -6.25 -20.79 11.57
CA ILE B 265 -5.03 -20.05 11.28
C ILE B 265 -4.57 -19.40 12.58
N PRO B 266 -3.29 -19.47 12.93
CA PRO B 266 -2.79 -18.86 14.16
C PRO B 266 -3.10 -17.36 14.24
N SER B 267 -3.56 -16.93 15.41
CA SER B 267 -3.65 -15.51 15.74
C SER B 267 -2.32 -14.97 16.26
N PHE B 268 -2.14 -13.66 16.19
CA PHE B 268 -0.97 -13.00 16.74
C PHE B 268 -1.36 -11.67 17.40
N ASP B 269 -0.52 -11.21 18.32
CA ASP B 269 -0.75 -9.96 19.03
C ASP B 269 0.01 -8.80 18.41
N THR B 270 -0.61 -7.62 18.41
CA THR B 270 0.06 -6.36 18.08
C THR B 270 0.49 -5.61 19.34
N TYR B 271 1.57 -4.85 19.22
CA TYR B 271 2.15 -4.10 20.33
C TYR B 271 2.49 -2.68 19.91
N PHE B 272 2.15 -1.71 20.78
CA PHE B 272 2.70 -0.35 20.70
C PHE B 272 3.98 -0.29 21.54
N CYS B 273 5.03 0.26 20.98
CA CYS B 273 6.30 0.42 21.67
C CYS B 273 6.97 1.75 21.38
N TYR B 274 7.78 2.20 22.34
CA TYR B 274 8.52 3.46 22.26
C TYR B 274 9.75 3.42 23.19
N PRO B 275 10.82 4.18 22.90
CA PRO B 275 11.98 4.24 23.76
C PRO B 275 11.69 5.00 25.06
N ASP B 276 12.39 4.65 26.14
CA ASP B 276 12.20 5.29 27.46
C ASP B 276 12.42 6.81 27.42
N GLU B 277 13.26 7.29 26.51
CA GLU B 277 13.52 8.71 26.27
C GLU B 277 12.24 9.50 25.94
N MET B 278 11.28 8.86 25.30
CA MET B 278 10.03 9.48 24.85
C MET B 278 8.90 9.42 25.88
N LYS B 279 9.05 8.67 26.99
CA LYS B 279 7.97 8.38 27.94
C LYS B 279 7.28 9.60 28.55
N ASN B 280 7.98 10.72 28.61
CA ASN B 280 7.47 11.96 29.19
C ASN B 280 7.00 12.99 28.16
N ALA B 281 7.22 12.76 26.88
CA ALA B 281 6.78 13.66 25.82
C ALA B 281 5.24 13.68 25.72
N ALA B 282 4.63 14.86 25.89
CA ALA B 282 3.18 15.03 25.83
C ALA B 282 2.58 14.50 24.52
N LYS B 283 3.20 14.81 23.39
CA LYS B 283 2.81 14.32 22.05
C LYS B 283 2.76 12.79 21.97
N LEU B 284 3.69 12.08 22.61
CA LEU B 284 3.69 10.62 22.62
C LEU B 284 2.63 10.05 23.56
N LYS B 285 2.43 10.66 24.74
CA LYS B 285 1.37 10.24 25.69
C LYS B 285 -0.01 10.34 25.03
N ALA B 286 -0.31 11.46 24.42
CA ALA B 286 -1.54 11.69 23.67
C ALA B 286 -1.78 10.59 22.62
N PHE B 287 -0.78 10.34 21.77
CA PHE B 287 -0.91 9.32 20.73
C PHE B 287 -0.99 7.90 21.30
N ARG B 288 -0.18 7.56 22.30
CA ARG B 288 -0.20 6.25 22.98
C ARG B 288 -1.57 5.96 23.56
N ASP B 289 -2.10 6.89 24.34
CA ASP B 289 -3.34 6.68 25.08
C ASP B 289 -4.52 6.60 24.12
N PHE B 290 -4.51 7.40 23.06
CA PHE B 290 -5.46 7.30 21.95
C PHE B 290 -5.40 5.92 21.26
N ILE B 291 -4.22 5.46 20.85
CA ILE B 291 -4.06 4.18 20.15
C ILE B 291 -4.46 3.00 21.05
N VAL B 292 -4.07 3.02 22.33
CA VAL B 292 -4.47 1.99 23.29
C VAL B 292 -6.00 1.95 23.46
N ALA B 293 -6.64 3.10 23.55
CA ALA B 293 -8.10 3.19 23.62
C ALA B 293 -8.76 2.65 22.34
N LYS B 294 -8.28 3.04 21.16
CA LYS B 294 -8.79 2.55 19.88
C LYS B 294 -8.59 1.04 19.70
N ALA B 295 -7.47 0.52 20.11
CA ALA B 295 -7.18 -0.91 20.04
C ALA B 295 -8.14 -1.73 20.91
N ARG B 296 -8.43 -1.27 22.16
CA ARG B 296 -9.40 -1.94 23.04
C ARG B 296 -10.82 -1.95 22.45
N ASN B 297 -11.16 -0.95 21.67
CA ASN B 297 -12.50 -0.82 21.06
C ASN B 297 -12.61 -1.55 19.72
N TRP B 298 -11.50 -2.10 19.24
CA TRP B 298 -11.42 -2.81 17.97
C TRP B 298 -11.84 -4.28 18.15
N ASN B 299 -13.12 -4.45 18.45
CA ASN B 299 -13.76 -5.76 18.37
C ASN B 299 -14.13 -6.03 16.90
N PHE B 300 -13.31 -6.82 16.22
CA PHE B 300 -13.66 -7.50 14.99
C PHE B 300 -14.22 -8.87 15.30
#